data_5CR4
#
_entry.id   5CR4
#
_cell.length_a   84.240
_cell.length_b   113.980
_cell.length_c   144.940
_cell.angle_alpha   90.00
_cell.angle_beta   90.00
_cell.angle_gamma   90.00
#
_symmetry.space_group_name_H-M   'I 21 21 21'
#
loop_
_entity.id
_entity.type
_entity.pdbx_description
1 polymer 'Sleeping Beauty transposase, SB100X'
2 non-polymer 'SULFATE ION'
3 non-polymer GLYCEROL
4 non-polymer 'CITRIC ACID'
5 non-polymer '4-(2-HYDROXYETHYL)-1-PIPERAZINE ETHANESULFONIC ACID'
6 water water
#
_entity_poly.entity_id   1
_entity_poly.type   'polypeptide(L)'
_entity_poly.pdbx_seq_one_letter_code
;GPSGHSARKKPLLQNRHKKARLRFATAHGDKDRTFWRNVLWSDETKIELFGHNDHRYVWRKKGEACKPKNTIPTVKHGGG
SIMLWGCFAAGGTGALHKIDGIMDAVQYVDILKQHLKTSVRKLKLGRKWVFQHDNDPKHTSKVVAKWLKDNKVKVLEWPS
QSPDLNPIENLWAELKKRVRARRPTNLTQLHQLCQEEWAKIHPNYCGKLVEGYPKRLTQVKQFKGNATKY
;
_entity_poly.pdbx_strand_id   A,B
#
loop_
_chem_comp.id
_chem_comp.type
_chem_comp.name
_chem_comp.formula
CIT non-polymer 'CITRIC ACID' 'C6 H8 O7'
EPE non-polymer '4-(2-HYDROXYETHYL)-1-PIPERAZINE ETHANESULFONIC ACID' 'C8 H18 N2 O4 S'
GOL non-polymer GLYCEROL 'C3 H8 O3'
SO4 non-polymer 'SULFATE ION' 'O4 S -2'
#
# COMPACT_ATOMS: atom_id res chain seq x y z
N ALA A 7 -37.71 21.55 -4.10
CA ALA A 7 -37.50 21.05 -5.46
C ALA A 7 -37.11 19.58 -5.43
N ARG A 8 -37.59 18.83 -6.41
CA ARG A 8 -37.43 17.37 -6.37
C ARG A 8 -36.20 16.92 -7.16
N LYS A 9 -35.58 15.81 -6.74
CA LYS A 9 -34.54 15.19 -7.57
C LYS A 9 -35.20 14.34 -8.63
N LYS A 10 -34.80 14.52 -9.90
CA LYS A 10 -35.34 13.72 -10.99
C LYS A 10 -34.23 12.88 -11.62
N PRO A 11 -34.49 11.57 -11.87
CA PRO A 11 -33.45 10.67 -12.35
C PRO A 11 -33.05 10.97 -13.81
N LEU A 12 -31.73 10.92 -14.01
CA LEU A 12 -31.16 11.04 -15.36
C LEU A 12 -30.89 9.70 -16.06
N LEU A 13 -30.84 8.60 -15.31
CA LEU A 13 -30.47 7.32 -15.89
C LEU A 13 -31.61 6.34 -15.65
N GLN A 14 -32.09 5.71 -16.70
CA GLN A 14 -33.24 4.80 -16.59
C GLN A 14 -32.80 3.44 -16.10
N ASN A 15 -33.71 2.71 -15.49
CA ASN A 15 -33.48 1.29 -15.25
C ASN A 15 -34.60 0.53 -15.94
N ARG A 16 -34.25 -0.46 -16.77
CA ARG A 16 -35.21 -1.24 -17.55
C ARG A 16 -36.22 -1.93 -16.64
N HIS A 17 -35.81 -2.24 -15.41
CA HIS A 17 -36.69 -2.95 -14.48
C HIS A 17 -37.27 -2.04 -13.40
N LYS A 18 -37.52 -0.79 -13.76
CA LYS A 18 -38.11 0.17 -12.85
C LYS A 18 -39.41 -0.34 -12.18
N LYS A 19 -40.26 -1.07 -12.88
CA LYS A 19 -41.47 -1.57 -12.26
C LYS A 19 -41.21 -2.51 -11.08
N ALA A 20 -40.34 -3.48 -11.27
CA ALA A 20 -40.03 -4.40 -10.18
C ALA A 20 -39.28 -3.67 -9.04
N ARG A 21 -38.46 -2.70 -9.40
CA ARG A 21 -37.67 -2.00 -8.36
C ARG A 21 -38.60 -1.20 -7.51
N LEU A 22 -39.56 -0.54 -8.17
CA LEU A 22 -40.51 0.26 -7.43
C LEU A 22 -41.38 -0.66 -6.58
N ARG A 23 -41.78 -1.82 -7.10
CA ARG A 23 -42.49 -2.80 -6.26
C ARG A 23 -41.67 -3.24 -5.03
N PHE A 24 -40.40 -3.58 -5.21
CA PHE A 24 -39.51 -3.92 -4.11
C PHE A 24 -39.44 -2.80 -3.05
N ALA A 25 -39.22 -1.56 -3.50
CA ALA A 25 -39.12 -0.48 -2.55
C ALA A 25 -40.43 -0.21 -1.83
N THR A 26 -41.56 -0.27 -2.54
CA THR A 26 -42.86 -0.05 -1.94
C THR A 26 -43.16 -1.14 -0.92
N ALA A 27 -42.87 -2.39 -1.30
CA ALA A 27 -43.23 -3.53 -0.51
C ALA A 27 -42.32 -3.61 0.67
N HIS A 28 -41.15 -2.98 0.58
CA HIS A 28 -40.20 -3.11 1.70
C HIS A 28 -39.94 -1.79 2.43
N GLY A 29 -40.61 -0.72 2.01
CA GLY A 29 -40.29 0.61 2.52
C GLY A 29 -40.78 0.88 3.93
N ASP A 30 -41.54 -0.06 4.50
CA ASP A 30 -42.04 0.10 5.86
C ASP A 30 -41.34 -0.83 6.82
N LYS A 31 -40.47 -1.71 6.29
CA LYS A 31 -39.77 -2.70 7.12
C LYS A 31 -38.99 -2.01 8.24
N ASP A 32 -38.99 -2.61 9.42
CA ASP A 32 -38.20 -2.03 10.50
C ASP A 32 -36.72 -2.26 10.26
N ARG A 33 -35.91 -1.58 11.05
CA ARG A 33 -34.47 -1.69 10.84
C ARG A 33 -34.02 -3.09 11.19
N THR A 34 -34.75 -3.75 12.09
CA THR A 34 -34.51 -5.14 12.46
C THR A 34 -34.54 -6.01 11.20
N PHE A 35 -35.52 -5.74 10.34
CA PHE A 35 -35.63 -6.50 9.10
C PHE A 35 -34.34 -6.40 8.29
N TRP A 36 -33.87 -5.17 8.02
CA TRP A 36 -32.67 -5.06 7.21
C TRP A 36 -31.44 -5.65 7.90
N ARG A 37 -31.38 -5.55 9.23
CA ARG A 37 -30.22 -6.12 9.94
C ARG A 37 -30.25 -7.64 9.87
N ASN A 38 -31.41 -8.23 9.57
CA ASN A 38 -31.43 -9.68 9.48
C ASN A 38 -31.46 -10.27 8.07
N VAL A 39 -31.12 -9.43 7.09
CA VAL A 39 -30.90 -9.90 5.72
C VAL A 39 -29.46 -10.33 5.58
N LEU A 40 -29.22 -11.54 5.07
CA LEU A 40 -27.87 -11.99 4.72
C LEU A 40 -27.67 -11.74 3.23
N TRP A 41 -26.93 -10.67 2.92
CA TRP A 41 -26.71 -10.24 1.54
C TRP A 41 -25.64 -11.10 0.93
N SER A 42 -25.69 -11.31 -0.39
CA SER A 42 -24.62 -12.15 -0.96
C SER A 42 -24.45 -11.81 -2.42
N ASP A 43 -23.25 -12.11 -2.94
CA ASP A 43 -23.01 -11.94 -4.40
CA ASP A 43 -22.96 -11.90 -4.34
C ASP A 43 -21.61 -12.50 -4.65
N GLU A 44 -21.26 -12.62 -5.93
CA GLU A 44 -19.89 -12.91 -6.33
C GLU A 44 -19.21 -11.67 -6.85
N THR A 45 -17.87 -11.68 -6.88
CA THR A 45 -17.11 -10.58 -7.48
C THR A 45 -15.84 -11.17 -8.04
N LYS A 46 -15.28 -10.53 -9.03
CA LYS A 46 -13.99 -10.89 -9.63
C LYS A 46 -13.02 -9.80 -9.29
N ILE A 47 -11.85 -10.20 -8.81
CA ILE A 47 -10.76 -9.24 -8.56
C ILE A 47 -9.58 -9.53 -9.49
N GLU A 48 -9.30 -8.58 -10.41
CA GLU A 48 -8.17 -8.72 -11.33
C GLU A 48 -6.85 -8.40 -10.63
N LEU A 49 -5.83 -9.19 -10.92
CA LEU A 49 -4.49 -8.84 -10.43
C LEU A 49 -3.99 -7.53 -11.04
N PHE A 50 -4.26 -7.35 -12.33
CA PHE A 50 -3.78 -6.17 -13.07
C PHE A 50 -5.02 -5.56 -13.66
N GLY A 51 -5.60 -4.60 -12.92
CA GLY A 51 -6.84 -3.98 -13.36
C GLY A 51 -6.71 -3.30 -14.69
N HIS A 52 -7.77 -3.37 -15.49
CA HIS A 52 -7.66 -3.00 -16.89
C HIS A 52 -7.31 -1.55 -17.15
N ASN A 53 -7.64 -0.68 -16.20
CA ASN A 53 -7.09 0.67 -16.38
C ASN A 53 -6.33 1.13 -15.13
N ASP A 54 -5.73 0.18 -14.46
CA ASP A 54 -4.76 0.51 -13.38
C ASP A 54 -3.44 0.72 -14.05
N HIS A 55 -2.82 1.89 -13.87
CA HIS A 55 -1.53 2.17 -14.49
C HIS A 55 -0.45 1.58 -13.59
N ARG A 56 -0.26 0.28 -13.64
CA ARG A 56 0.76 -0.42 -12.86
C ARG A 56 2.13 -0.40 -13.53
N TYR A 57 3.18 -0.44 -12.74
CA TYR A 57 4.49 -0.73 -13.29
C TYR A 57 4.51 -2.17 -13.78
N VAL A 58 4.99 -2.37 -15.00
CA VAL A 58 4.85 -3.67 -15.68
C VAL A 58 6.23 -4.35 -15.68
N TRP A 59 7.32 -3.59 -15.88
CA TRP A 59 8.63 -4.28 -15.92
C TRP A 59 9.66 -3.43 -15.23
N ARG A 60 10.79 -4.03 -14.90
CA ARG A 60 11.93 -3.31 -14.37
C ARG A 60 13.01 -3.30 -15.45
N LYS A 61 13.67 -2.17 -15.61
CA LYS A 61 14.80 -2.06 -16.53
C LYS A 61 15.80 -1.07 -15.94
N LYS A 62 17.07 -1.47 -15.90
CA LYS A 62 18.14 -0.66 -15.26
C LYS A 62 17.76 -0.27 -13.82
N GLY A 63 17.13 -1.22 -13.13
CA GLY A 63 16.74 -1.06 -11.73
C GLY A 63 15.48 -0.26 -11.51
N GLU A 64 14.93 0.34 -12.57
CA GLU A 64 13.78 1.21 -12.39
CA GLU A 64 13.77 1.21 -12.44
C GLU A 64 12.51 0.49 -12.81
N ALA A 65 11.47 0.62 -11.97
CA ALA A 65 10.16 0.09 -12.34
C ALA A 65 9.58 1.03 -13.42
N CYS A 66 8.97 0.44 -14.45
CA CYS A 66 8.58 1.20 -15.63
C CYS A 66 7.14 0.94 -15.97
N LYS A 67 6.43 2.02 -16.33
CA LYS A 67 5.14 1.93 -17.04
C LYS A 67 5.40 2.15 -18.51
N PRO A 68 4.64 1.50 -19.36
CA PRO A 68 4.95 1.62 -20.80
C PRO A 68 4.81 3.06 -21.31
N LYS A 69 5.63 3.42 -22.30
CA LYS A 69 5.59 4.75 -22.89
C LYS A 69 4.29 4.92 -23.64
N ASN A 70 3.83 3.83 -24.24
CA ASN A 70 2.63 3.88 -25.02
C ASN A 70 1.77 2.69 -24.67
N THR A 71 0.53 2.98 -24.34
CA THR A 71 -0.37 1.92 -23.98
C THR A 71 -1.67 2.13 -24.73
N ILE A 72 -2.23 1.03 -25.22
CA ILE A 72 -3.52 0.98 -25.89
C ILE A 72 -4.51 0.55 -24.84
N PRO A 73 -5.65 1.26 -24.70
CA PRO A 73 -6.60 0.78 -23.70
C PRO A 73 -7.08 -0.65 -23.96
N THR A 74 -7.37 -1.35 -22.91
CA THR A 74 -7.90 -2.70 -22.97
C THR A 74 -8.96 -2.95 -21.92
N VAL A 75 -9.88 -3.86 -22.16
CA VAL A 75 -10.83 -4.24 -21.10
C VAL A 75 -10.24 -5.28 -20.19
N LYS A 76 -9.12 -5.89 -20.52
CA LYS A 76 -8.57 -6.98 -19.67
C LYS A 76 -7.08 -7.19 -19.92
N HIS A 77 -6.29 -7.01 -18.87
CA HIS A 77 -4.86 -7.34 -18.89
C HIS A 77 -4.63 -8.80 -18.49
N GLY A 78 -3.41 -9.29 -18.70
CA GLY A 78 -3.06 -10.67 -18.48
C GLY A 78 -2.42 -10.98 -17.15
N GLY A 79 -2.96 -10.44 -16.09
CA GLY A 79 -2.48 -10.93 -14.77
C GLY A 79 -3.31 -12.08 -14.13
N GLY A 80 -4.42 -12.45 -14.74
CA GLY A 80 -5.32 -13.38 -14.10
C GLY A 80 -6.23 -12.70 -13.06
N SER A 81 -7.06 -13.47 -12.40
CA SER A 81 -7.97 -12.95 -11.45
C SER A 81 -8.40 -13.99 -10.42
N ILE A 82 -9.05 -13.57 -9.35
CA ILE A 82 -9.68 -14.48 -8.40
C ILE A 82 -11.18 -14.20 -8.45
N MET A 83 -11.99 -15.24 -8.34
CA MET A 83 -13.43 -15.04 -8.23
CA MET A 83 -13.43 -15.06 -8.21
C MET A 83 -13.84 -15.44 -6.82
N LEU A 84 -14.65 -14.63 -6.21
CA LEU A 84 -15.02 -14.78 -4.83
C LEU A 84 -16.53 -14.79 -4.67
N TRP A 85 -17.00 -15.65 -3.78
CA TRP A 85 -18.38 -15.57 -3.30
C TRP A 85 -18.31 -15.05 -1.88
N GLY A 86 -19.21 -14.17 -1.48
CA GLY A 86 -19.23 -13.75 -0.09
C GLY A 86 -20.62 -13.38 0.35
N CYS A 87 -20.77 -13.22 1.67
CA CYS A 87 -22.00 -12.76 2.23
C CYS A 87 -21.71 -11.91 3.46
N PHE A 88 -22.68 -11.10 3.86
CA PHE A 88 -22.51 -10.30 5.08
C PHE A 88 -23.85 -9.86 5.58
N ALA A 89 -23.90 -9.36 6.80
CA ALA A 89 -25.09 -8.68 7.29
C ALA A 89 -24.63 -7.45 8.10
N ALA A 90 -25.60 -6.72 8.63
CA ALA A 90 -25.26 -5.53 9.46
C ALA A 90 -24.25 -5.89 10.56
N GLY A 91 -24.40 -7.10 11.11
CA GLY A 91 -23.53 -7.50 12.20
C GLY A 91 -22.13 -7.93 11.83
N GLY A 92 -21.79 -7.98 10.55
CA GLY A 92 -20.43 -8.25 10.17
C GLY A 92 -20.25 -9.05 8.90
N THR A 93 -19.01 -9.36 8.59
CA THR A 93 -18.76 -10.20 7.41
C THR A 93 -19.20 -11.64 7.67
N GLY A 94 -19.75 -12.25 6.65
CA GLY A 94 -19.94 -13.72 6.65
C GLY A 94 -18.76 -14.39 5.98
N ALA A 95 -18.94 -15.58 5.41
CA ALA A 95 -17.90 -16.33 4.77
C ALA A 95 -17.45 -15.65 3.48
N LEU A 96 -16.15 -15.75 3.22
CA LEU A 96 -15.55 -15.40 1.94
C LEU A 96 -14.99 -16.69 1.39
N HIS A 97 -15.30 -17.01 0.13
CA HIS A 97 -14.91 -18.26 -0.46
C HIS A 97 -14.41 -18.05 -1.87
N LYS A 98 -13.25 -18.62 -2.19
CA LYS A 98 -12.71 -18.56 -3.55
C LYS A 98 -13.45 -19.59 -4.41
N ILE A 99 -14.01 -19.14 -5.52
CA ILE A 99 -14.73 -19.97 -6.47
C ILE A 99 -13.73 -20.65 -7.34
N ASP A 100 -13.94 -21.96 -7.54
CA ASP A 100 -13.09 -22.76 -8.39
C ASP A 100 -13.54 -22.59 -9.83
N GLY A 101 -12.74 -21.89 -10.62
CA GLY A 101 -13.06 -21.67 -12.02
C GLY A 101 -14.32 -20.86 -12.18
N ILE A 102 -15.22 -21.37 -13.02
CA ILE A 102 -16.50 -20.72 -13.33
C ILE A 102 -17.64 -21.41 -12.59
N MET A 103 -18.34 -20.67 -11.73
CA MET A 103 -19.35 -21.31 -10.90
C MET A 103 -20.61 -21.74 -11.65
N ASP A 104 -20.99 -23.01 -11.54
CA ASP A 104 -22.27 -23.46 -12.04
C ASP A 104 -23.22 -23.67 -10.87
N ALA A 105 -24.41 -24.15 -11.17
CA ALA A 105 -25.46 -24.28 -10.18
C ALA A 105 -25.09 -25.30 -9.09
N VAL A 106 -24.40 -26.37 -9.44
CA VAL A 106 -24.00 -27.35 -8.44
C VAL A 106 -22.94 -26.79 -7.50
N GLN A 107 -21.96 -26.07 -8.05
CA GLN A 107 -20.95 -25.46 -7.20
C GLN A 107 -21.69 -24.45 -6.29
N TYR A 108 -22.70 -23.77 -6.84
CA TYR A 108 -23.40 -22.76 -6.03
C TYR A 108 -24.14 -23.42 -4.85
N VAL A 109 -24.88 -24.48 -5.10
CA VAL A 109 -25.48 -25.27 -4.02
C VAL A 109 -24.40 -25.71 -3.02
N ASP A 110 -23.24 -26.14 -3.51
CA ASP A 110 -22.23 -26.63 -2.57
C ASP A 110 -21.72 -25.48 -1.64
N ILE A 111 -21.56 -24.30 -2.26
CA ILE A 111 -21.09 -23.13 -1.53
C ILE A 111 -22.12 -22.78 -0.48
N LEU A 112 -23.39 -22.85 -0.86
CA LEU A 112 -24.41 -22.54 0.13
C LEU A 112 -24.43 -23.56 1.24
N LYS A 113 -24.32 -24.84 0.90
CA LYS A 113 -24.33 -25.83 1.98
C LYS A 113 -23.39 -25.17 3.09
N GLN A 114 -22.10 -25.23 2.63
CA GLN A 114 -20.99 -25.07 3.58
C GLN A 114 -21.13 -23.70 4.42
N HIS A 115 -21.39 -22.72 3.60
CA HIS A 115 -21.19 -21.41 4.12
C HIS A 115 -22.43 -20.66 4.52
N LEU A 116 -23.61 -21.01 3.98
CA LEU A 116 -24.75 -20.16 4.22
C LEU A 116 -25.16 -20.28 5.65
N LYS A 117 -25.49 -21.54 6.03
CA LYS A 117 -26.03 -21.50 7.42
C LYS A 117 -24.88 -21.28 8.46
N THR A 118 -23.63 -21.72 8.12
CA THR A 118 -22.56 -21.32 9.04
C THR A 118 -22.50 -19.78 9.27
N SER A 119 -22.70 -19.03 8.21
CA SER A 119 -22.63 -17.56 8.33
C SER A 119 -23.77 -17.01 9.15
N VAL A 120 -24.97 -17.57 8.96
CA VAL A 120 -26.09 -17.11 9.76
C VAL A 120 -25.86 -17.37 11.26
N ARG A 121 -25.32 -18.55 11.58
CA ARG A 121 -24.94 -18.84 12.96
C ARG A 121 -23.90 -17.83 13.52
N LYS A 122 -22.82 -17.60 12.77
CA LYS A 122 -21.73 -16.78 13.30
C LYS A 122 -22.16 -15.30 13.45
N LEU A 123 -23.06 -14.86 12.56
CA LEU A 123 -23.56 -13.50 12.61
C LEU A 123 -24.73 -13.33 13.59
N LYS A 124 -25.23 -14.44 14.15
CA LYS A 124 -26.26 -14.40 15.19
C LYS A 124 -27.51 -13.73 14.64
N LEU A 125 -27.83 -14.04 13.39
CA LEU A 125 -29.08 -13.52 12.81
C LEU A 125 -30.30 -14.17 13.50
N GLY A 126 -31.40 -13.42 13.55
CA GLY A 126 -32.64 -13.87 14.18
C GLY A 126 -33.31 -15.01 13.42
N ARG A 127 -34.32 -15.63 14.06
CA ARG A 127 -34.93 -16.84 13.50
C ARG A 127 -35.58 -16.57 12.15
N LYS A 128 -36.11 -15.35 12.00
CA LYS A 128 -36.68 -14.86 10.73
C LYS A 128 -35.71 -14.15 9.78
N TRP A 129 -34.46 -14.51 9.88
CA TRP A 129 -33.51 -14.03 8.88
C TRP A 129 -33.94 -14.39 7.48
N VAL A 130 -33.49 -13.59 6.52
CA VAL A 130 -33.81 -13.77 5.12
CA VAL A 130 -33.78 -13.90 5.12
C VAL A 130 -32.54 -13.81 4.29
N PHE A 131 -32.46 -14.69 3.28
CA PHE A 131 -31.30 -14.75 2.36
C PHE A 131 -31.57 -13.89 1.13
N GLN A 132 -30.57 -13.05 0.79
CA GLN A 132 -30.63 -12.32 -0.46
C GLN A 132 -29.60 -12.83 -1.44
N HIS A 133 -30.00 -12.92 -2.71
CA HIS A 133 -29.07 -13.12 -3.84
C HIS A 133 -29.78 -12.62 -5.09
N ASP A 134 -29.01 -12.29 -6.14
CA ASP A 134 -29.66 -11.75 -7.34
C ASP A 134 -30.36 -12.80 -8.25
N ASN A 135 -30.86 -12.39 -9.42
CA ASN A 135 -31.76 -13.20 -10.26
C ASN A 135 -31.11 -13.99 -11.38
N ASP A 136 -29.80 -14.15 -11.25
CA ASP A 136 -29.06 -15.10 -12.06
C ASP A 136 -29.89 -16.38 -12.23
N PRO A 137 -30.10 -16.81 -13.49
N PRO A 137 -30.03 -16.83 -13.48
CA PRO A 137 -30.95 -17.96 -13.79
CA PRO A 137 -30.67 -18.13 -13.76
C PRO A 137 -30.62 -19.19 -12.93
C PRO A 137 -30.06 -19.24 -12.90
N LYS A 138 -29.34 -19.38 -12.64
N LYS A 138 -28.74 -19.19 -12.72
CA LYS A 138 -28.86 -20.44 -11.76
CA LYS A 138 -28.02 -20.15 -11.87
C LYS A 138 -29.58 -20.50 -10.41
C LYS A 138 -27.93 -19.69 -10.42
N HIS A 139 -29.99 -19.33 -9.91
N HIS A 139 -28.77 -18.74 -10.05
CA HIS A 139 -30.59 -19.23 -8.58
CA HIS A 139 -29.14 -18.50 -8.66
C HIS A 139 -32.02 -19.74 -8.55
C HIS A 139 -30.56 -19.04 -8.51
N THR A 140 -32.56 -19.99 -9.75
N THR A 140 -31.26 -19.13 -9.64
CA THR A 140 -33.97 -20.34 -9.93
CA THR A 140 -32.70 -19.37 -9.66
C THR A 140 -34.12 -21.74 -10.49
C THR A 140 -33.13 -20.66 -10.36
N SER A 141 -32.98 -22.41 -10.66
N SER A 141 -32.20 -21.61 -10.56
CA SER A 141 -32.90 -23.76 -11.22
CA SER A 141 -32.54 -22.88 -11.21
C SER A 141 -33.68 -24.75 -10.38
C SER A 141 -33.23 -23.88 -10.29
N LYS A 142 -34.03 -25.89 -10.96
N LYS A 142 -33.62 -25.01 -10.86
CA LYS A 142 -34.68 -26.93 -10.19
CA LYS A 142 -34.38 -26.06 -10.17
C LYS A 142 -33.84 -27.23 -8.95
C LYS A 142 -33.66 -26.61 -8.94
N VAL A 143 -32.52 -27.27 -9.14
CA VAL A 143 -31.68 -27.76 -8.05
C VAL A 143 -31.43 -26.70 -6.95
N VAL A 144 -31.21 -25.43 -7.28
CA VAL A 144 -30.98 -24.40 -6.25
C VAL A 144 -32.28 -24.12 -5.54
N ALA A 145 -33.35 -23.95 -6.30
CA ALA A 145 -34.64 -23.64 -5.66
C ALA A 145 -35.04 -24.79 -4.74
N LYS A 146 -34.78 -26.02 -5.16
CA LYS A 146 -35.16 -27.15 -4.33
C LYS A 146 -34.26 -27.22 -3.08
N TRP A 147 -32.99 -26.86 -3.22
CA TRP A 147 -32.12 -26.92 -2.04
C TRP A 147 -32.60 -25.87 -1.02
N LEU A 148 -32.90 -24.67 -1.50
CA LEU A 148 -33.36 -23.59 -0.64
C LEU A 148 -34.65 -23.98 0.04
N LYS A 149 -35.57 -24.63 -0.68
CA LYS A 149 -36.82 -25.02 -0.06
C LYS A 149 -36.63 -26.13 0.97
N ASP A 150 -35.88 -27.16 0.61
CA ASP A 150 -35.61 -28.28 1.49
C ASP A 150 -34.92 -27.86 2.79
N ASN A 151 -34.13 -26.79 2.69
CA ASN A 151 -33.33 -26.35 3.83
C ASN A 151 -33.94 -25.12 4.50
N LYS A 152 -35.21 -24.86 4.16
CA LYS A 152 -36.04 -23.90 4.87
C LYS A 152 -35.42 -22.50 4.88
N VAL A 153 -34.86 -22.08 3.74
CA VAL A 153 -34.30 -20.76 3.60
C VAL A 153 -35.33 -19.86 2.93
N LYS A 154 -35.64 -18.73 3.57
CA LYS A 154 -36.54 -17.74 2.95
C LYS A 154 -35.73 -16.77 2.13
N VAL A 155 -36.09 -16.62 0.86
CA VAL A 155 -35.36 -15.76 -0.05
C VAL A 155 -36.09 -14.43 -0.25
N LEU A 156 -35.34 -13.33 -0.09
CA LEU A 156 -35.85 -11.99 -0.32
C LEU A 156 -36.32 -11.87 -1.79
N GLU A 157 -37.55 -11.38 -1.99
CA GLU A 157 -38.00 -11.06 -3.36
C GLU A 157 -37.07 -9.99 -3.94
N TRP A 158 -36.64 -10.15 -5.18
CA TRP A 158 -35.48 -9.39 -5.70
C TRP A 158 -35.75 -8.88 -7.10
N PRO A 159 -35.61 -7.57 -7.34
CA PRO A 159 -35.74 -6.99 -8.69
C PRO A 159 -34.44 -7.14 -9.52
N SER A 160 -34.58 -7.46 -10.79
CA SER A 160 -33.43 -7.57 -11.66
C SER A 160 -32.69 -6.24 -11.84
N GLN A 161 -31.42 -6.35 -12.23
CA GLN A 161 -30.54 -5.21 -12.57
C GLN A 161 -30.56 -4.20 -11.45
N SER A 162 -30.50 -4.71 -10.24
CA SER A 162 -30.52 -3.86 -9.07
C SER A 162 -29.38 -4.01 -8.07
N PRO A 163 -28.13 -4.03 -8.56
CA PRO A 163 -27.02 -4.11 -7.59
C PRO A 163 -26.91 -2.89 -6.71
N ASP A 164 -27.45 -1.75 -7.12
CA ASP A 164 -27.44 -0.59 -6.25
C ASP A 164 -28.29 -0.80 -5.01
N LEU A 165 -29.12 -1.87 -5.00
CA LEU A 165 -29.95 -2.17 -3.82
C LEU A 165 -29.31 -3.30 -2.99
N ASN A 166 -28.12 -3.74 -3.32
CA ASN A 166 -27.43 -4.77 -2.56
C ASN A 166 -26.16 -4.16 -1.97
N PRO A 167 -26.15 -3.85 -0.67
CA PRO A 167 -25.01 -3.16 -0.08
C PRO A 167 -23.72 -3.98 -0.14
N ILE A 168 -23.78 -5.29 -0.43
CA ILE A 168 -22.51 -6.00 -0.57
C ILE A 168 -21.66 -5.42 -1.73
N GLU A 169 -22.26 -4.71 -2.68
CA GLU A 169 -21.42 -4.17 -3.78
C GLU A 169 -20.48 -3.08 -3.25
N ASN A 170 -20.89 -2.41 -2.16
CA ASN A 170 -19.99 -1.47 -1.50
C ASN A 170 -18.91 -2.23 -0.76
N LEU A 171 -19.30 -3.31 -0.08
CA LEU A 171 -18.32 -4.09 0.65
C LEU A 171 -17.29 -4.68 -0.30
N TRP A 172 -17.73 -5.10 -1.48
CA TRP A 172 -16.71 -5.59 -2.43
C TRP A 172 -15.71 -4.49 -2.82
N ALA A 173 -16.19 -3.26 -2.99
CA ALA A 173 -15.30 -2.20 -3.40
C ALA A 173 -14.32 -1.89 -2.27
N GLU A 174 -14.79 -2.01 -1.03
CA GLU A 174 -13.90 -1.82 0.12
C GLU A 174 -12.82 -2.90 0.19
N LEU A 175 -13.21 -4.15 -0.06
CA LEU A 175 -12.21 -5.21 -0.08
C LEU A 175 -11.23 -4.94 -1.22
N LYS A 176 -11.73 -4.56 -2.41
CA LYS A 176 -10.83 -4.39 -3.56
C LYS A 176 -9.86 -3.23 -3.27
N LYS A 177 -10.36 -2.15 -2.62
CA LYS A 177 -9.47 -1.01 -2.35
C LYS A 177 -8.33 -1.48 -1.44
N ARG A 178 -8.71 -2.24 -0.40
CA ARG A 178 -7.72 -2.65 0.58
C ARG A 178 -6.71 -3.57 -0.06
N VAL A 179 -7.16 -4.45 -0.95
CA VAL A 179 -6.23 -5.44 -1.52
C VAL A 179 -5.37 -4.74 -2.55
N ARG A 180 -5.96 -3.83 -3.33
CA ARG A 180 -5.17 -3.17 -4.39
C ARG A 180 -4.07 -2.32 -3.75
N ALA A 181 -4.31 -1.77 -2.55
CA ALA A 181 -3.30 -0.88 -1.98
C ALA A 181 -2.10 -1.69 -1.52
N ARG A 182 -2.24 -3.01 -1.42
CA ARG A 182 -1.10 -3.80 -1.05
C ARG A 182 -0.29 -4.30 -2.23
N ARG A 183 -0.67 -3.87 -3.45
CA ARG A 183 0.10 -4.06 -4.69
C ARG A 183 0.54 -5.53 -4.92
N PRO A 184 -0.40 -6.48 -4.86
CA PRO A 184 -0.01 -7.88 -5.14
C PRO A 184 0.56 -8.09 -6.55
N THR A 185 1.46 -9.06 -6.65
CA THR A 185 2.14 -9.28 -7.93
C THR A 185 1.90 -10.70 -8.45
N ASN A 186 1.15 -11.52 -7.73
CA ASN A 186 0.78 -12.87 -8.25
C ASN A 186 -0.51 -13.30 -7.59
N LEU A 187 -1.08 -14.39 -8.11
CA LEU A 187 -2.43 -14.80 -7.64
C LEU A 187 -2.42 -15.46 -6.27
N THR A 188 -1.31 -16.04 -5.89
CA THR A 188 -1.21 -16.58 -4.51
C THR A 188 -1.31 -15.47 -3.49
N GLN A 189 -0.53 -14.42 -3.73
CA GLN A 189 -0.65 -13.24 -2.90
C GLN A 189 -2.02 -12.61 -2.97
N LEU A 190 -2.59 -12.51 -4.17
CA LEU A 190 -3.92 -11.91 -4.26
C LEU A 190 -4.94 -12.62 -3.34
N HIS A 191 -4.91 -13.95 -3.40
CA HIS A 191 -5.84 -14.72 -2.58
C HIS A 191 -5.57 -14.47 -1.06
N GLN A 192 -4.30 -14.58 -0.66
CA GLN A 192 -3.97 -14.34 0.75
C GLN A 192 -4.35 -12.93 1.24
N LEU A 193 -4.12 -11.93 0.40
CA LEU A 193 -4.52 -10.58 0.76
C LEU A 193 -6.02 -10.43 0.85
N CYS A 194 -6.79 -11.10 -0.04
CA CYS A 194 -8.23 -11.03 0.11
C CYS A 194 -8.71 -11.57 1.44
N GLN A 195 -8.15 -12.70 1.89
CA GLN A 195 -8.64 -13.19 3.16
CA GLN A 195 -8.49 -13.29 3.18
C GLN A 195 -8.15 -12.30 4.31
N GLU A 196 -6.93 -11.77 4.21
CA GLU A 196 -6.43 -10.90 5.29
C GLU A 196 -7.24 -9.61 5.43
N GLU A 197 -7.56 -9.02 4.28
CA GLU A 197 -8.31 -7.78 4.32
C GLU A 197 -9.76 -7.99 4.68
N TRP A 198 -10.38 -9.10 4.26
CA TRP A 198 -11.72 -9.39 4.73
C TRP A 198 -11.79 -9.46 6.23
N ALA A 199 -10.72 -10.05 6.82
CA ALA A 199 -10.69 -10.12 8.29
C ALA A 199 -10.63 -8.75 8.95
N LYS A 200 -10.08 -7.77 8.22
CA LYS A 200 -10.02 -6.40 8.79
C LYS A 200 -11.28 -5.55 8.61
N ILE A 201 -12.28 -6.06 7.92
CA ILE A 201 -13.55 -5.34 7.74
C ILE A 201 -14.49 -5.75 8.89
N HIS A 202 -14.85 -4.79 9.72
CA HIS A 202 -15.48 -5.05 11.03
C HIS A 202 -16.97 -4.75 11.09
N PRO A 203 -17.62 -5.14 12.17
CA PRO A 203 -19.07 -4.91 12.24
C PRO A 203 -19.46 -3.46 12.16
N ASN A 204 -18.65 -2.52 12.66
CA ASN A 204 -19.14 -1.13 12.58
C ASN A 204 -19.28 -0.66 11.12
N TYR A 205 -18.37 -1.08 10.25
CA TYR A 205 -18.45 -0.75 8.83
C TYR A 205 -19.72 -1.34 8.21
N CYS A 206 -19.92 -2.62 8.48
CA CYS A 206 -21.11 -3.32 7.95
C CYS A 206 -22.42 -2.68 8.44
N GLY A 207 -22.42 -2.27 9.71
CA GLY A 207 -23.61 -1.78 10.34
C GLY A 207 -23.93 -0.43 9.74
N LYS A 208 -22.91 0.40 9.51
CA LYS A 208 -23.17 1.71 8.92
C LYS A 208 -23.73 1.55 7.49
N LEU A 209 -23.27 0.56 6.71
CA LEU A 209 -23.92 0.34 5.38
C LEU A 209 -25.39 0.05 5.51
N VAL A 210 -25.71 -0.85 6.43
CA VAL A 210 -27.09 -1.25 6.50
C VAL A 210 -27.98 -0.17 7.14
N GLU A 211 -27.42 0.61 8.06
CA GLU A 211 -28.16 1.70 8.68
C GLU A 211 -28.59 2.70 7.59
N GLY A 212 -27.78 2.87 6.56
CA GLY A 212 -28.15 3.78 5.47
C GLY A 212 -29.14 3.23 4.45
N TYR A 213 -29.57 1.98 4.60
CA TYR A 213 -30.26 1.31 3.51
C TYR A 213 -31.68 1.94 3.20
N PRO A 214 -32.45 2.34 4.23
CA PRO A 214 -33.76 2.96 3.93
C PRO A 214 -33.60 4.16 2.98
N LYS A 215 -32.52 4.90 3.05
CA LYS A 215 -32.36 6.03 2.10
C LYS A 215 -32.29 5.56 0.64
N ARG A 216 -31.76 4.35 0.41
CA ARG A 216 -31.77 3.82 -0.96
C ARG A 216 -33.18 3.60 -1.42
N LEU A 217 -34.00 3.04 -0.53
CA LEU A 217 -35.38 2.79 -0.96
C LEU A 217 -36.16 4.09 -1.22
N THR A 218 -35.93 5.07 -0.36
CA THR A 218 -36.47 6.42 -0.59
C THR A 218 -36.11 6.93 -1.99
N GLN A 219 -34.85 6.79 -2.37
CA GLN A 219 -34.47 7.27 -3.70
C GLN A 219 -35.09 6.45 -4.82
N VAL A 220 -35.19 5.13 -4.68
CA VAL A 220 -35.88 4.33 -5.73
C VAL A 220 -37.29 4.86 -5.90
N LYS A 221 -38.00 5.11 -4.79
CA LYS A 221 -39.35 5.64 -4.93
C LYS A 221 -39.38 7.01 -5.62
N GLN A 222 -38.48 7.91 -5.19
CA GLN A 222 -38.44 9.29 -5.75
C GLN A 222 -38.20 9.19 -7.23
N PHE A 223 -37.35 8.25 -7.62
CA PHE A 223 -36.94 8.09 -9.03
C PHE A 223 -37.85 7.14 -9.83
N LYS A 224 -38.98 6.74 -9.25
CA LYS A 224 -39.95 5.87 -9.93
C LYS A 224 -39.34 4.58 -10.46
N GLY A 225 -38.35 4.06 -9.72
CA GLY A 225 -37.72 2.79 -10.09
C GLY A 225 -36.47 2.92 -10.95
N ASN A 226 -36.11 4.16 -11.35
CA ASN A 226 -34.95 4.32 -12.23
C ASN A 226 -33.65 4.21 -11.43
N ALA A 227 -32.50 4.38 -12.07
CA ALA A 227 -31.22 4.09 -11.39
C ALA A 227 -30.94 5.10 -10.29
N THR A 228 -30.47 4.60 -9.14
CA THR A 228 -30.09 5.48 -8.03
C THR A 228 -28.60 5.86 -8.13
N LYS A 229 -28.13 6.63 -7.15
CA LYS A 229 -26.71 6.92 -7.08
C LYS A 229 -25.87 5.79 -6.52
N TYR A 230 -26.52 4.79 -5.93
CA TYR A 230 -25.75 3.87 -5.08
C TYR A 230 -24.97 2.82 -5.83
N HIS B 5 18.60 41.46 14.06
CA HIS B 5 18.91 40.48 15.10
C HIS B 5 17.66 39.74 15.58
N SER B 6 16.69 40.48 16.13
CA SER B 6 15.43 39.87 16.54
C SER B 6 14.77 39.16 15.35
N ALA B 7 14.83 39.81 14.18
CA ALA B 7 14.29 39.28 12.92
C ALA B 7 15.10 38.10 12.32
N ARG B 8 16.30 37.84 12.82
CA ARG B 8 17.02 36.65 12.37
C ARG B 8 16.49 35.38 13.05
N LYS B 9 16.64 34.25 12.41
CA LYS B 9 16.34 32.98 13.05
C LYS B 9 17.52 32.54 13.89
N LYS B 10 17.30 32.23 15.17
CA LYS B 10 18.38 31.76 16.04
C LYS B 10 18.09 30.29 16.38
N PRO B 11 19.08 29.40 16.33
CA PRO B 11 18.82 27.97 16.53
C PRO B 11 18.53 27.67 17.99
N LEU B 12 17.58 26.75 18.17
CA LEU B 12 17.23 26.24 19.52
C LEU B 12 17.91 24.92 19.82
N LEU B 13 18.36 24.20 18.81
CA LEU B 13 18.93 22.85 19.06
C LEU B 13 20.39 22.80 18.61
N GLN B 14 21.27 22.39 19.53
CA GLN B 14 22.69 22.34 19.26
CA GLN B 14 22.67 22.40 19.19
C GLN B 14 23.01 21.18 18.32
N ASN B 15 24.10 21.32 17.58
CA ASN B 15 24.69 20.18 16.87
C ASN B 15 26.15 20.17 17.26
N ARG B 16 26.67 18.97 17.44
CA ARG B 16 28.09 18.87 17.55
C ARG B 16 28.69 19.04 16.13
N HIS B 17 29.98 19.17 16.14
CA HIS B 17 30.73 19.43 14.95
C HIS B 17 30.22 20.63 14.20
N LYS B 18 29.89 21.71 14.93
CA LYS B 18 29.38 22.90 14.24
C LYS B 18 30.46 23.56 13.40
N LYS B 19 31.72 23.53 13.81
CA LYS B 19 32.75 24.19 12.96
C LYS B 19 32.94 23.42 11.66
N ALA B 20 32.97 22.07 11.72
CA ALA B 20 33.08 21.31 10.50
C ALA B 20 31.88 21.52 9.60
N ARG B 21 30.69 21.65 10.18
CA ARG B 21 29.49 21.87 9.39
C ARG B 21 29.58 23.23 8.72
N LEU B 22 30.08 24.25 9.40
CA LEU B 22 30.27 25.58 8.76
C LEU B 22 31.30 25.50 7.68
N ARG B 23 32.40 24.77 7.86
CA ARG B 23 33.40 24.63 6.78
C ARG B 23 32.75 23.96 5.60
N PHE B 24 31.97 22.90 5.80
CA PHE B 24 31.32 22.24 4.69
C PHE B 24 30.42 23.22 3.97
N ALA B 25 29.52 23.90 4.72
N ALA B 25 29.69 24.02 4.69
CA ALA B 25 28.35 24.69 4.18
CA ALA B 25 28.97 25.02 3.99
C ALA B 25 28.68 26.01 3.52
C ALA B 25 29.93 25.87 3.12
N THR B 26 29.65 26.69 4.09
N THR B 26 31.04 26.40 3.65
CA THR B 26 30.16 27.92 3.53
CA THR B 26 31.83 27.30 2.80
C THR B 26 30.89 27.55 2.26
C THR B 26 32.59 26.57 1.68
N ALA B 27 31.75 26.53 2.32
N ALA B 27 32.96 25.32 1.94
CA ALA B 27 32.50 26.28 1.07
CA ALA B 27 33.73 24.53 1.00
C ALA B 27 31.59 25.76 -0.09
C ALA B 27 32.90 24.11 -0.20
N HIS B 28 30.51 25.06 0.22
N HIS B 28 31.59 24.32 -0.08
CA HIS B 28 29.60 24.55 -0.82
CA HIS B 28 30.72 23.93 -1.19
C HIS B 28 28.37 25.45 -1.08
C HIS B 28 29.79 25.05 -1.63
N GLY B 29 28.42 26.70 -0.61
N GLY B 29 30.06 26.25 -1.16
CA GLY B 29 27.28 27.61 -0.68
CA GLY B 29 29.24 27.39 -1.51
C GLY B 29 27.02 28.26 -2.02
C GLY B 29 29.37 27.76 -2.96
N ASP B 30 27.83 27.95 -3.02
N ASP B 30 30.46 27.36 -3.62
CA ASP B 30 27.70 28.57 -4.32
CA ASP B 30 30.61 27.69 -5.07
C ASP B 30 27.96 27.55 -5.41
C ASP B 30 29.95 26.67 -5.99
N LYS B 31 27.77 26.27 -5.07
N LYS B 31 29.44 25.59 -5.41
CA LYS B 31 28.07 25.18 -5.98
CA LYS B 31 28.83 24.57 -6.27
C LYS B 31 26.96 25.11 -6.95
C LYS B 31 27.49 25.08 -6.90
N ASP B 32 27.23 24.70 -8.18
CA ASP B 32 26.04 24.93 -9.00
C ASP B 32 25.09 23.70 -8.93
N ARG B 33 23.93 23.87 -9.55
CA ARG B 33 22.87 22.86 -9.46
C ARG B 33 23.34 21.54 -10.11
N THR B 34 24.05 21.65 -11.21
CA THR B 34 24.61 20.46 -11.85
CA THR B 34 24.62 20.47 -11.86
C THR B 34 25.48 19.69 -10.90
N PHE B 35 26.31 20.40 -10.12
CA PHE B 35 27.13 19.70 -9.17
C PHE B 35 26.28 18.88 -8.20
N TRP B 36 25.26 19.51 -7.59
CA TRP B 36 24.47 18.73 -6.60
C TRP B 36 23.73 17.57 -7.24
N ARG B 37 23.27 17.74 -8.49
CA ARG B 37 22.59 16.63 -9.19
C ARG B 37 23.55 15.48 -9.45
N ASN B 38 24.84 15.73 -9.44
CA ASN B 38 25.76 14.62 -9.67
C ASN B 38 26.51 14.08 -8.46
N VAL B 39 25.99 14.42 -7.31
CA VAL B 39 26.40 13.74 -6.08
C VAL B 39 25.57 12.42 -5.95
N LEU B 40 26.30 11.31 -5.70
CA LEU B 40 25.66 10.04 -5.35
C LEU B 40 25.72 9.90 -3.85
N TRP B 41 24.59 10.16 -3.23
CA TRP B 41 24.41 10.04 -1.79
C TRP B 41 24.27 8.60 -1.33
N SER B 42 24.70 8.30 -0.12
CA SER B 42 24.58 6.89 0.33
C SER B 42 24.47 6.86 1.84
N ASP B 43 23.92 5.75 2.33
CA ASP B 43 23.65 5.55 3.77
CA ASP B 43 23.77 5.50 3.79
C ASP B 43 23.10 4.14 3.98
N GLU B 44 22.96 3.74 5.24
CA GLU B 44 22.24 2.55 5.62
CA GLU B 44 22.27 2.54 5.61
C GLU B 44 21.01 2.92 6.42
N THR B 45 20.02 2.04 6.45
CA THR B 45 18.87 2.24 7.31
C THR B 45 18.34 0.87 7.72
N LYS B 46 17.53 0.87 8.76
CA LYS B 46 16.86 -0.36 9.29
C LYS B 46 15.38 -0.15 9.21
N ILE B 47 14.65 -1.13 8.70
CA ILE B 47 13.20 -1.05 8.65
C ILE B 47 12.60 -2.20 9.43
N GLU B 48 11.75 -1.87 10.41
CA GLU B 48 11.08 -2.88 11.27
C GLU B 48 9.82 -3.36 10.62
N LEU B 49 9.56 -4.65 10.74
CA LEU B 49 8.30 -5.19 10.28
C LEU B 49 7.08 -4.69 11.08
N PHE B 50 7.27 -4.63 12.39
CA PHE B 50 6.20 -4.21 13.30
C PHE B 50 6.70 -3.00 14.07
N GLY B 51 6.44 -1.82 13.51
CA GLY B 51 6.93 -0.58 14.10
C GLY B 51 6.53 -0.38 15.55
N HIS B 52 7.42 0.20 16.36
CA HIS B 52 7.20 0.23 17.79
C HIS B 52 5.99 1.02 18.24
N ASN B 53 5.51 1.97 17.44
CA ASN B 53 4.20 2.49 17.83
C ASN B 53 3.17 2.43 16.71
N ASP B 54 3.36 1.46 15.82
CA ASP B 54 2.34 1.16 14.82
C ASP B 54 1.30 0.24 15.43
N HIS B 55 0.05 0.67 15.41
CA HIS B 55 -1.03 -0.08 16.02
C HIS B 55 -1.47 -1.09 14.98
N ARG B 56 -0.75 -2.18 14.85
CA ARG B 56 -1.08 -3.24 13.91
C ARG B 56 -2.06 -4.26 14.46
N TYR B 57 -2.79 -4.90 13.56
CA TYR B 57 -3.55 -6.10 13.91
C TYR B 57 -2.54 -7.20 14.25
N VAL B 58 -2.69 -7.82 15.43
CA VAL B 58 -1.75 -8.86 15.89
C VAL B 58 -2.32 -10.28 15.74
N TRP B 59 -3.65 -10.44 15.91
CA TRP B 59 -4.18 -11.82 15.83
C TRP B 59 -5.53 -11.74 15.18
N ARG B 60 -6.01 -12.89 14.76
CA ARG B 60 -7.40 -13.08 14.27
C ARG B 60 -8.16 -13.96 15.23
N LYS B 61 -9.41 -13.60 15.49
CA LYS B 61 -10.26 -14.37 16.40
C LYS B 61 -11.69 -14.21 15.92
N LYS B 62 -12.37 -15.34 15.73
CA LYS B 62 -13.75 -15.36 15.25
C LYS B 62 -13.90 -14.52 13.95
N GLY B 63 -12.94 -14.67 13.07
CA GLY B 63 -13.01 -14.07 11.74
C GLY B 63 -12.61 -12.61 11.67
N GLU B 64 -12.29 -11.99 12.82
CA GLU B 64 -11.89 -10.60 12.87
C GLU B 64 -10.43 -10.46 13.19
N ALA B 65 -9.75 -9.64 12.40
CA ALA B 65 -8.43 -9.15 12.80
C ALA B 65 -8.61 -8.23 14.01
N CYS B 66 -7.68 -8.39 14.96
CA CYS B 66 -7.75 -7.71 16.26
C CYS B 66 -6.45 -7.02 16.64
N LYS B 67 -6.66 -5.84 17.20
CA LYS B 67 -5.61 -5.08 17.89
C LYS B 67 -5.78 -5.30 19.38
N PRO B 68 -4.66 -5.33 20.12
CA PRO B 68 -4.82 -5.55 21.57
C PRO B 68 -5.53 -4.41 22.26
N LYS B 69 -6.33 -4.72 23.27
CA LYS B 69 -7.04 -3.73 24.06
C LYS B 69 -6.07 -2.97 24.95
N ASN B 70 -5.04 -3.65 25.44
CA ASN B 70 -4.11 -3.07 26.37
C ASN B 70 -2.70 -3.28 25.86
N THR B 71 -1.97 -2.21 25.80
CA THR B 71 -0.60 -2.32 25.40
C THR B 71 0.22 -1.51 26.37
N ILE B 72 1.47 -1.93 26.49
CA ILE B 72 2.47 -1.18 27.22
C ILE B 72 3.43 -0.62 26.18
N PRO B 73 3.77 0.66 26.27
CA PRO B 73 4.72 1.17 25.25
C PRO B 73 6.04 0.45 25.22
N THR B 74 6.60 0.32 24.02
CA THR B 74 7.87 -0.34 23.84
C THR B 74 8.70 0.35 22.77
N VAL B 75 10.02 0.15 22.85
CA VAL B 75 10.85 0.63 21.76
C VAL B 75 11.02 -0.42 20.67
N LYS B 76 10.60 -1.64 20.90
CA LYS B 76 10.92 -2.70 19.90
C LYS B 76 10.01 -3.89 20.09
N HIS B 77 9.14 -4.08 19.08
CA HIS B 77 8.33 -5.31 18.96
C HIS B 77 9.13 -6.45 18.34
N GLY B 78 8.53 -7.65 18.39
CA GLY B 78 9.03 -8.78 17.61
C GLY B 78 8.71 -8.56 16.08
N GLY B 79 8.90 -9.59 15.31
CA GLY B 79 8.63 -9.42 13.90
C GLY B 79 9.90 -9.13 13.14
N GLY B 80 10.96 -8.69 13.78
CA GLY B 80 12.24 -8.56 13.10
C GLY B 80 12.37 -7.31 12.24
N SER B 81 13.42 -7.28 11.49
CA SER B 81 13.72 -6.08 10.69
C SER B 81 14.65 -6.42 9.53
N ILE B 82 14.86 -5.47 8.65
CA ILE B 82 15.81 -5.62 7.54
C ILE B 82 16.78 -4.45 7.59
N MET B 83 18.07 -4.70 7.29
CA MET B 83 19.00 -3.59 7.18
CA MET B 83 18.99 -3.57 7.18
C MET B 83 19.36 -3.41 5.74
N LEU B 84 19.43 -2.17 5.29
CA LEU B 84 19.65 -1.84 3.88
C LEU B 84 20.74 -0.85 3.69
N TRP B 85 21.52 -1.03 2.64
CA TRP B 85 22.45 0.00 2.10
C TRP B 85 21.82 0.51 0.84
N GLY B 86 21.83 1.83 0.60
CA GLY B 86 21.31 2.36 -0.66
C GLY B 86 22.08 3.60 -1.06
N CYS B 87 21.89 3.95 -2.32
CA CYS B 87 22.47 5.20 -2.85
C CYS B 87 21.47 5.81 -3.83
N PHE B 88 21.58 7.11 -4.07
CA PHE B 88 20.69 7.77 -5.06
C PHE B 88 21.32 9.09 -5.47
N ALA B 89 20.81 9.66 -6.55
CA ALA B 89 21.15 11.01 -6.96
C ALA B 89 19.87 11.71 -7.43
N ALA B 90 19.98 12.98 -7.81
CA ALA B 90 18.81 13.73 -8.24
C ALA B 90 18.04 12.99 -9.35
N GLY B 91 18.78 12.30 -10.22
CA GLY B 91 18.14 11.61 -11.36
C GLY B 91 17.44 10.32 -10.99
N GLY B 92 17.54 9.82 -9.80
CA GLY B 92 16.81 8.62 -9.39
C GLY B 92 17.55 7.75 -8.39
N THR B 93 16.94 6.64 -8.05
CA THR B 93 17.55 5.68 -7.11
C THR B 93 18.68 4.91 -7.78
N GLY B 94 19.69 4.63 -6.96
CA GLY B 94 20.73 3.69 -7.33
C GLY B 94 20.46 2.32 -6.78
N ALA B 95 21.51 1.56 -6.50
CA ALA B 95 21.31 0.22 -5.93
C ALA B 95 20.75 0.25 -4.52
N LEU B 96 20.08 -0.84 -4.15
CA LEU B 96 19.61 -1.14 -2.79
C LEU B 96 20.10 -2.53 -2.52
N HIS B 97 20.67 -2.73 -1.32
CA HIS B 97 21.28 -3.99 -0.95
C HIS B 97 20.96 -4.37 0.45
N LYS B 98 20.50 -5.59 0.70
CA LYS B 98 20.21 -6.06 2.06
C LYS B 98 21.51 -6.41 2.72
N ILE B 99 21.76 -5.86 3.92
CA ILE B 99 22.99 -6.18 4.64
CA ILE B 99 22.98 -6.26 4.57
C ILE B 99 22.64 -7.12 5.79
N ASP B 100 23.52 -8.14 5.91
N ASP B 100 23.51 -8.12 5.99
CA ASP B 100 23.32 -9.28 6.80
CA ASP B 100 23.43 -9.04 7.12
C ASP B 100 24.31 -9.15 7.91
C ASP B 100 24.31 -8.53 8.23
N GLY B 101 23.82 -8.87 9.11
N GLY B 101 23.80 -7.56 8.99
CA GLY B 101 24.70 -8.75 10.24
CA GLY B 101 24.52 -7.02 10.13
C GLY B 101 25.53 -7.49 10.22
C GLY B 101 24.87 -5.56 9.89
N ILE B 102 26.51 -7.43 11.11
N ILE B 102 25.92 -5.07 10.55
CA ILE B 102 27.29 -6.21 11.25
CA ILE B 102 26.55 -3.85 10.09
C ILE B 102 28.20 -6.09 10.04
C ILE B 102 27.83 -4.30 9.39
N MET B 103 28.20 -4.91 9.43
N MET B 103 28.16 -3.68 8.26
CA MET B 103 29.07 -4.70 8.28
CA MET B 103 29.23 -4.21 7.44
C MET B 103 30.48 -4.26 8.67
C MET B 103 30.60 -3.89 8.00
N ASP B 104 31.48 -4.89 8.06
CA ASP B 104 32.85 -4.54 8.32
C ASP B 104 33.46 -3.94 7.03
N ALA B 105 34.73 -3.55 7.12
CA ALA B 105 35.36 -2.85 6.01
C ALA B 105 35.40 -3.67 4.74
N VAL B 106 35.73 -4.97 4.84
CA VAL B 106 35.85 -5.82 3.66
C VAL B 106 34.45 -5.94 3.00
N GLN B 107 33.41 -6.07 3.83
CA GLN B 107 32.05 -6.16 3.30
C GLN B 107 31.64 -4.86 2.64
N TYR B 108 32.08 -3.74 3.21
CA TYR B 108 31.77 -2.45 2.59
C TYR B 108 32.47 -2.29 1.24
N VAL B 109 33.74 -2.69 1.14
CA VAL B 109 34.41 -2.71 -0.17
C VAL B 109 33.60 -3.54 -1.15
N ASP B 110 33.10 -4.70 -0.73
CA ASP B 110 32.38 -5.51 -1.71
C ASP B 110 31.09 -4.84 -2.18
N ILE B 111 30.41 -4.18 -1.25
CA ILE B 111 29.23 -3.42 -1.65
C ILE B 111 29.57 -2.37 -2.69
N LEU B 112 30.68 -1.66 -2.49
CA LEU B 112 31.07 -0.63 -3.46
C LEU B 112 31.46 -1.25 -4.78
N LYS B 113 32.25 -2.31 -4.75
CA LYS B 113 32.65 -2.93 -6.01
C LYS B 113 31.32 -2.92 -6.86
N GLN B 114 30.50 -3.87 -6.31
CA GLN B 114 29.32 -4.27 -7.14
C GLN B 114 28.50 -2.97 -7.65
N HIS B 115 28.10 -2.33 -6.58
CA HIS B 115 26.99 -1.49 -6.80
C HIS B 115 27.34 -0.08 -7.11
N LEU B 116 28.56 0.39 -6.81
CA LEU B 116 28.79 1.80 -6.98
C LEU B 116 28.90 2.15 -8.41
N LYS B 117 29.80 1.43 -9.12
CA LYS B 117 29.89 2.00 -10.51
C LYS B 117 28.65 1.64 -11.34
N THR B 118 28.01 0.48 -11.04
CA THR B 118 26.77 0.21 -11.78
CA THR B 118 26.77 0.23 -11.80
C THR B 118 25.69 1.31 -11.55
N SER B 119 25.59 1.80 -10.31
CA SER B 119 24.61 2.86 -10.04
C SER B 119 24.88 4.16 -10.79
N VAL B 120 26.14 4.52 -10.80
CA VAL B 120 26.55 5.73 -11.52
C VAL B 120 26.18 5.63 -12.99
N ARG B 121 26.45 4.47 -13.60
CA ARG B 121 26.11 4.32 -15.02
C ARG B 121 24.62 4.32 -15.26
N LYS B 122 23.86 3.66 -14.39
CA LYS B 122 22.42 3.59 -14.58
C LYS B 122 21.81 4.98 -14.44
N LEU B 123 22.37 5.79 -13.55
CA LEU B 123 21.88 7.15 -13.35
C LEU B 123 22.44 8.17 -14.34
N LYS B 124 23.41 7.77 -15.17
CA LYS B 124 23.96 8.61 -16.24
C LYS B 124 24.54 9.87 -15.59
N LEU B 125 25.22 9.68 -14.48
CA LEU B 125 25.86 10.83 -13.85
C LEU B 125 27.00 11.32 -14.75
N GLY B 126 27.32 12.61 -14.62
CA GLY B 126 28.35 13.25 -15.44
C GLY B 126 29.75 12.82 -15.00
N ARG B 127 30.71 13.13 -15.87
CA ARG B 127 32.08 12.69 -15.65
C ARG B 127 32.67 13.21 -14.36
N LYS B 128 32.16 14.33 -13.84
CA LYS B 128 32.67 14.90 -12.58
C LYS B 128 31.86 14.50 -11.36
N TRP B 129 31.11 13.40 -11.45
CA TRP B 129 30.29 12.92 -10.35
C TRP B 129 31.13 12.63 -9.08
N VAL B 130 30.48 12.80 -7.95
CA VAL B 130 31.12 12.66 -6.63
C VAL B 130 30.31 11.71 -5.78
N PHE B 131 31.00 10.88 -5.02
CA PHE B 131 30.40 9.95 -4.07
C PHE B 131 30.35 10.53 -2.67
N GLN B 132 29.20 10.44 -2.03
CA GLN B 132 29.11 10.84 -0.63
C GLN B 132 28.89 9.62 0.22
N HIS B 133 29.56 9.59 1.37
CA HIS B 133 29.32 8.63 2.48
C HIS B 133 29.76 9.29 3.75
N ASP B 134 29.25 8.79 4.85
CA ASP B 134 29.43 9.48 6.11
C ASP B 134 30.78 9.12 6.73
N ASN B 135 30.98 9.60 7.97
CA ASN B 135 32.32 9.55 8.59
C ASN B 135 32.53 8.34 9.47
N ASP B 136 31.80 7.25 9.23
CA ASP B 136 32.16 5.97 9.83
C ASP B 136 33.65 5.70 9.55
N PRO B 137 34.42 5.31 10.58
CA PRO B 137 35.85 5.04 10.45
C PRO B 137 36.16 3.90 9.45
N LYS B 138 35.21 2.97 9.28
CA LYS B 138 35.41 1.98 8.23
C LYS B 138 35.58 2.64 6.88
N HIS B 139 35.05 3.86 6.69
CA HIS B 139 35.09 4.47 5.36
C HIS B 139 36.47 4.99 4.98
N THR B 140 37.36 5.00 5.96
CA THR B 140 38.78 5.33 5.61
C THR B 140 39.74 4.22 6.03
N SER B 141 39.19 3.04 6.27
CA SER B 141 40.01 1.89 6.53
C SER B 141 40.92 1.69 5.33
N LYS B 142 42.07 1.07 5.54
CA LYS B 142 43.00 0.84 4.45
C LYS B 142 42.37 0.19 3.19
N VAL B 143 41.57 -0.87 3.36
CA VAL B 143 41.06 -1.57 2.19
CA VAL B 143 41.01 -1.59 2.20
C VAL B 143 40.03 -0.69 1.43
N VAL B 144 39.28 0.10 2.16
CA VAL B 144 38.28 0.97 1.52
C VAL B 144 38.97 2.15 0.82
N ALA B 145 39.91 2.77 1.51
CA ALA B 145 40.64 3.89 0.90
C ALA B 145 41.36 3.40 -0.36
N LYS B 146 41.96 2.21 -0.31
CA LYS B 146 42.61 1.70 -1.49
C LYS B 146 41.60 1.44 -2.61
N TRP B 147 40.43 0.88 -2.30
CA TRP B 147 39.45 0.65 -3.39
C TRP B 147 39.04 1.99 -4.04
N LEU B 148 38.77 2.97 -3.21
CA LEU B 148 38.33 4.28 -3.73
C LEU B 148 39.39 4.91 -4.63
N LYS B 149 40.64 4.84 -4.18
CA LYS B 149 41.73 5.37 -4.98
C LYS B 149 41.92 4.61 -6.29
N ASP B 150 41.90 3.28 -6.21
CA ASP B 150 42.13 2.46 -7.39
C ASP B 150 41.04 2.62 -8.46
N ASN B 151 39.84 2.97 -8.01
CA ASN B 151 38.68 3.12 -8.88
C ASN B 151 38.32 4.60 -9.16
N LYS B 152 39.26 5.47 -8.85
CA LYS B 152 39.22 6.89 -9.22
C LYS B 152 38.00 7.60 -8.67
N VAL B 153 37.50 7.17 -7.50
CA VAL B 153 36.29 7.76 -6.96
C VAL B 153 36.59 9.06 -6.23
N LYS B 154 35.85 10.12 -6.58
CA LYS B 154 35.94 11.39 -5.87
C LYS B 154 34.98 11.40 -4.71
N VAL B 155 35.43 11.76 -3.51
CA VAL B 155 34.60 11.66 -2.30
C VAL B 155 34.27 13.06 -1.81
N LEU B 156 33.01 13.27 -1.48
CA LEU B 156 32.55 14.58 -1.03
C LEU B 156 33.13 14.90 0.36
N GLU B 157 33.61 16.12 0.58
CA GLU B 157 33.83 16.70 1.96
CA GLU B 157 33.96 16.44 1.91
C GLU B 157 32.69 16.40 2.80
N TRP B 158 32.86 15.98 4.07
CA TRP B 158 31.70 15.63 4.86
C TRP B 158 31.90 15.89 6.37
N PRO B 159 30.94 16.60 6.97
CA PRO B 159 31.01 16.84 8.42
C PRO B 159 30.29 15.73 9.18
N SER B 160 30.80 15.45 10.37
CA SER B 160 30.18 14.43 11.22
C SER B 160 28.86 14.88 11.82
N GLN B 161 28.07 13.87 12.23
CA GLN B 161 26.80 14.09 12.92
C GLN B 161 25.90 15.00 12.09
N SER B 162 25.85 14.76 10.79
CA SER B 162 25.11 15.68 9.89
C SER B 162 24.11 14.98 8.96
N PRO B 163 23.25 14.09 9.50
CA PRO B 163 22.26 13.42 8.62
C PRO B 163 21.28 14.43 8.08
N ASP B 164 21.10 15.60 8.71
CA ASP B 164 20.21 16.61 8.16
C ASP B 164 20.78 17.21 6.88
N LEU B 165 22.04 16.92 6.56
CA LEU B 165 22.65 17.40 5.29
C LEU B 165 22.73 16.30 4.24
N ASN B 166 22.12 15.15 4.49
CA ASN B 166 22.12 14.07 3.48
C ASN B 166 20.68 13.82 3.13
N PRO B 167 20.23 14.19 1.94
CA PRO B 167 18.83 13.98 1.52
C PRO B 167 18.39 12.52 1.42
N ILE B 168 19.31 11.58 1.49
CA ILE B 168 18.86 10.20 1.48
C ILE B 168 18.02 9.93 2.74
N GLU B 169 18.15 10.68 3.82
CA GLU B 169 17.31 10.41 5.01
C GLU B 169 15.83 10.65 4.70
N ASN B 170 15.56 11.57 3.76
CA ASN B 170 14.20 11.76 3.27
C ASN B 170 13.78 10.59 2.41
N LEU B 171 14.69 10.14 1.55
CA LEU B 171 14.39 8.99 0.68
C LEU B 171 14.06 7.76 1.51
N TRP B 172 14.69 7.57 2.65
CA TRP B 172 14.36 6.38 3.43
C TRP B 172 12.98 6.53 3.97
N ALA B 173 12.54 7.72 4.36
CA ALA B 173 11.19 7.88 4.87
C ALA B 173 10.22 7.57 3.76
N GLU B 174 10.51 7.90 2.52
CA GLU B 174 9.61 7.59 1.39
C GLU B 174 9.54 6.10 1.22
N LEU B 175 10.66 5.41 1.29
CA LEU B 175 10.65 3.95 1.14
C LEU B 175 9.86 3.35 2.28
N LYS B 176 10.02 3.83 3.52
CA LYS B 176 9.33 3.22 4.62
C LYS B 176 7.84 3.42 4.49
N LYS B 177 7.42 4.56 3.98
CA LYS B 177 6.00 4.83 3.85
C LYS B 177 5.39 3.84 2.83
N ARG B 178 6.09 3.64 1.73
CA ARG B 178 5.59 2.79 0.65
C ARG B 178 5.51 1.37 1.16
N VAL B 179 6.52 0.90 1.87
CA VAL B 179 6.57 -0.47 2.34
C VAL B 179 5.49 -0.66 3.40
N ARG B 180 5.32 0.31 4.32
CA ARG B 180 4.42 0.10 5.41
C ARG B 180 3.00 0.00 4.87
N ALA B 181 2.73 0.70 3.77
CA ALA B 181 1.34 0.73 3.31
C ALA B 181 0.97 -0.62 2.69
N ARG B 182 1.96 -1.45 2.35
CA ARG B 182 1.67 -2.78 1.82
C ARG B 182 1.48 -3.84 2.91
N ARG B 183 1.60 -3.43 4.19
CA ARG B 183 1.23 -4.24 5.36
C ARG B 183 1.92 -5.61 5.36
N PRO B 184 3.22 -5.67 5.22
CA PRO B 184 3.97 -6.95 5.25
C PRO B 184 3.74 -7.72 6.56
N THR B 185 3.68 -9.05 6.45
CA THR B 185 3.42 -9.89 7.64
C THR B 185 4.56 -10.83 7.94
N ASN B 186 5.61 -10.81 7.12
CA ASN B 186 6.79 -11.65 7.39
C ASN B 186 8.02 -10.99 6.72
N LEU B 187 9.19 -11.50 7.04
CA LEU B 187 10.42 -10.86 6.57
C LEU B 187 10.77 -11.14 5.12
N THR B 188 10.36 -12.28 4.57
CA THR B 188 10.54 -12.50 3.14
C THR B 188 9.78 -11.44 2.35
N GLN B 189 8.52 -11.24 2.76
CA GLN B 189 7.74 -10.16 2.18
C GLN B 189 8.35 -8.80 2.42
N LEU B 190 8.85 -8.52 3.62
CA LEU B 190 9.43 -7.21 3.87
C LEU B 190 10.59 -6.95 2.89
N HIS B 191 11.41 -7.96 2.68
CA HIS B 191 12.55 -7.80 1.76
C HIS B 191 12.05 -7.52 0.34
N GLN B 192 11.11 -8.35 -0.13
CA GLN B 192 10.67 -8.15 -1.51
CA GLN B 192 10.57 -8.16 -1.48
C GLN B 192 9.95 -6.81 -1.67
N LEU B 193 9.18 -6.37 -0.68
CA LEU B 193 8.49 -5.10 -0.78
C LEU B 193 9.51 -3.95 -0.78
N CYS B 194 10.56 -4.04 0.04
CA CYS B 194 11.61 -3.00 -0.01
C CYS B 194 12.22 -2.87 -1.39
N GLN B 195 12.53 -4.00 -2.02
CA GLN B 195 13.11 -3.85 -3.36
C GLN B 195 12.11 -3.34 -4.37
N GLU B 196 10.88 -3.85 -4.32
CA GLU B 196 9.88 -3.44 -5.29
C GLU B 196 9.56 -1.95 -5.17
N GLU B 197 9.39 -1.48 -3.93
CA GLU B 197 9.02 -0.09 -3.74
C GLU B 197 10.18 0.84 -4.03
N TRP B 198 11.41 0.41 -3.73
CA TRP B 198 12.59 1.25 -4.10
C TRP B 198 12.58 1.48 -5.60
N ALA B 199 12.29 0.42 -6.36
CA ALA B 199 12.29 0.54 -7.82
C ALA B 199 11.23 1.46 -8.32
N LYS B 200 10.16 1.65 -7.54
CA LYS B 200 9.06 2.53 -7.97
C LYS B 200 9.26 4.01 -7.60
N ILE B 201 10.15 4.33 -6.67
CA ILE B 201 10.25 5.70 -6.22
C ILE B 201 10.55 6.63 -7.41
N HIS B 202 9.79 7.70 -7.52
CA HIS B 202 9.86 8.54 -8.72
C HIS B 202 11.19 9.28 -8.88
N PRO B 203 11.79 9.25 -10.08
CA PRO B 203 12.91 10.16 -10.30
C PRO B 203 12.60 11.62 -9.94
N ASN B 204 11.41 12.13 -10.21
CA ASN B 204 11.13 13.52 -9.84
C ASN B 204 11.09 13.75 -8.33
N TYR B 205 10.81 12.71 -7.52
CA TYR B 205 10.83 12.82 -6.05
C TYR B 205 12.30 13.08 -5.66
N CYS B 206 13.18 12.27 -6.22
CA CYS B 206 14.60 12.42 -5.99
C CYS B 206 15.08 13.80 -6.42
N GLY B 207 14.61 14.22 -7.59
CA GLY B 207 15.04 15.52 -8.08
C GLY B 207 14.60 16.64 -7.15
N LYS B 208 13.38 16.53 -6.61
CA LYS B 208 12.87 17.58 -5.72
C LYS B 208 13.70 17.62 -4.43
N LEU B 209 14.14 16.45 -3.94
CA LEU B 209 15.00 16.45 -2.73
C LEU B 209 16.28 17.28 -2.99
N VAL B 210 16.86 17.04 -4.15
CA VAL B 210 18.15 17.71 -4.40
C VAL B 210 17.97 19.19 -4.78
N GLU B 211 16.84 19.53 -5.41
CA GLU B 211 16.58 20.92 -5.75
C GLU B 211 16.59 21.80 -4.49
N GLY B 212 16.06 21.29 -3.39
CA GLY B 212 16.04 22.05 -2.16
C GLY B 212 17.37 22.19 -1.45
N TYR B 213 18.43 21.59 -1.98
CA TYR B 213 19.60 21.40 -1.12
C TYR B 213 20.38 22.69 -0.66
N PRO B 214 20.64 23.63 -1.56
CA PRO B 214 21.37 24.80 -1.09
C PRO B 214 20.73 25.54 0.09
N LYS B 215 19.40 25.51 0.19
CA LYS B 215 18.76 26.13 1.37
C LYS B 215 19.19 25.46 2.67
N ARG B 216 19.55 24.18 2.65
CA ARG B 216 20.03 23.53 3.87
C ARG B 216 21.34 24.17 4.26
N LEU B 217 22.19 24.44 3.27
CA LEU B 217 23.50 25.04 3.60
C LEU B 217 23.36 26.50 4.13
N THR B 218 22.40 27.23 3.55
CA THR B 218 22.04 28.55 4.09
C THR B 218 21.65 28.46 5.55
N GLN B 219 20.83 27.49 5.89
CA GLN B 219 20.41 27.42 7.27
C GLN B 219 21.55 26.98 8.19
N VAL B 220 22.42 26.05 7.77
CA VAL B 220 23.59 25.69 8.61
C VAL B 220 24.39 26.96 8.90
N LYS B 221 24.64 27.81 7.89
CA LYS B 221 25.42 29.00 8.16
C LYS B 221 24.70 29.96 9.14
N GLN B 222 23.39 30.16 8.92
CA GLN B 222 22.61 31.04 9.79
CA GLN B 222 22.63 31.06 9.78
C GLN B 222 22.64 30.55 11.23
N PHE B 223 22.65 29.24 11.38
CA PHE B 223 22.61 28.64 12.71
C PHE B 223 24.00 28.39 13.27
N LYS B 224 25.04 28.93 12.62
CA LYS B 224 26.42 28.76 13.11
C LYS B 224 26.80 27.29 13.30
N GLY B 225 26.22 26.43 12.47
CA GLY B 225 26.54 25.02 12.48
C GLY B 225 25.67 24.19 13.41
N ASN B 226 24.73 24.79 14.10
CA ASN B 226 23.81 24.02 14.98
C ASN B 226 22.78 23.26 14.12
N ALA B 227 21.86 22.55 14.79
CA ALA B 227 20.97 21.63 14.05
C ALA B 227 19.97 22.39 13.21
N THR B 228 19.80 21.94 11.96
CA THR B 228 18.77 22.54 11.12
C THR B 228 17.43 21.87 11.26
N LYS B 229 16.41 22.33 10.54
CA LYS B 229 15.10 21.65 10.55
C LYS B 229 15.05 20.32 9.76
N TYR B 230 16.08 20.06 8.97
CA TYR B 230 15.92 19.04 7.93
C TYR B 230 16.07 17.61 8.43
S SO4 C . 1.82 -0.65 -8.86
O1 SO4 C . 2.30 0.14 -9.97
O2 SO4 C . 0.36 -0.42 -8.80
O3 SO4 C . 2.44 -0.11 -7.62
O4 SO4 C . 2.21 -1.93 -8.96
S SO4 D . -25.88 13.25 -1.74
O1 SO4 D . -26.80 13.70 -0.67
O2 SO4 D . -25.77 14.33 -2.70
O3 SO4 D . -24.54 12.98 -1.23
O4 SO4 D . -26.51 12.07 -2.29
S SO4 E . -10.82 -19.92 0.59
O1 SO4 E . -10.47 -18.46 0.43
O2 SO4 E . -12.00 -20.27 -0.19
O3 SO4 E . -11.12 -20.23 2.00
O4 SO4 E . -9.69 -20.71 0.11
S SO4 F . -39.91 -5.71 -14.62
O1 SO4 F . -39.58 -4.38 -14.11
O2 SO4 F . -41.15 -6.17 -13.95
O3 SO4 F . -40.09 -5.70 -16.06
O4 SO4 F . -38.80 -6.61 -14.26
S SO4 G . -31.42 -6.76 -20.95
O1 SO4 G . -31.34 -6.35 -22.35
O2 SO4 G . -32.54 -6.12 -20.25
O3 SO4 G . -31.63 -8.21 -20.88
O4 SO4 G . -30.20 -6.37 -20.24
S SO4 H . -7.57 -0.52 9.01
O1 SO4 H . -7.42 -0.36 10.47
O2 SO4 H . -8.55 0.43 8.50
O3 SO4 H . -7.85 -1.87 8.59
O4 SO4 H . -6.30 -0.22 8.34
S SO4 I . -4.21 -20.15 -4.35
O1 SO4 I . -4.85 -19.66 -3.14
O2 SO4 I . -4.41 -19.18 -5.45
O3 SO4 I . -4.83 -21.41 -4.77
O4 SO4 I . -2.79 -20.35 -4.07
S SO4 J . -22.54 -24.96 11.41
O1 SO4 J . -23.80 -24.31 11.78
O2 SO4 J . -22.64 -25.45 10.05
O3 SO4 J . -21.44 -23.99 11.51
O4 SO4 J . -22.25 -26.09 12.29
S SO4 K . -30.04 -9.92 -11.96
O1 SO4 K . -30.37 -8.84 -12.94
O2 SO4 K . -30.73 -9.72 -10.70
O3 SO4 K . -28.63 -9.73 -11.66
O4 SO4 K . -30.18 -11.23 -12.57
S SO4 L . -31.60 -6.90 15.81
O1 SO4 L . -32.35 -5.91 15.06
O2 SO4 L . -31.59 -6.54 17.23
O3 SO4 L . -30.22 -6.96 15.31
O4 SO4 L . -32.23 -8.21 15.66
S SO4 M . 18.11 -5.41 -11.32
O1 SO4 M . 17.08 -4.90 -10.41
O2 SO4 M . 18.05 -4.68 -12.59
O3 SO4 M . 17.91 -6.83 -11.57
O4 SO4 M . 19.42 -5.19 -10.71
S SO4 N . -35.33 0.87 -21.39
O1 SO4 N . -35.19 1.59 -20.06
O2 SO4 N . -36.24 1.72 -22.16
O3 SO4 N . -36.03 -0.42 -21.26
O4 SO4 N . -34.15 0.82 -22.28
S SO4 O . -42.72 -17.02 16.53
O1 SO4 O . -43.83 -17.34 17.42
O2 SO4 O . -43.00 -15.76 15.85
O3 SO4 O . -42.58 -18.10 15.56
O4 SO4 O . -41.49 -16.86 17.30
C1 GOL P . -11.36 -2.71 -10.38
O1 GOL P . -11.69 -1.34 -10.28
C2 GOL P . -11.14 -3.10 -11.84
O2 GOL P . -10.22 -4.18 -11.96
C3 GOL P . -12.47 -3.67 -12.35
O3 GOL P . -12.93 -2.89 -13.44
C1 GOL Q . -29.46 -30.62 1.52
O1 GOL Q . -30.84 -30.86 1.32
C2 GOL Q . -28.56 -31.75 1.05
O2 GOL Q . -28.18 -32.44 2.21
C3 GOL Q . -29.31 -32.73 0.15
O3 GOL Q . -29.39 -32.26 -1.19
C1 GOL R . -16.99 -21.40 14.31
O1 GOL R . -17.46 -21.28 15.63
C2 GOL R . -16.25 -22.69 14.06
O2 GOL R . -16.48 -23.59 15.12
C3 GOL R . -16.77 -23.28 12.75
O3 GOL R . -16.30 -22.53 11.65
C1 GOL S . -26.52 -8.14 -6.61
O1 GOL S . -27.39 -8.97 -5.84
C2 GOL S . -27.04 -7.57 -7.96
O2 GOL S . -28.41 -7.29 -7.95
C3 GOL S . -26.56 -8.28 -9.24
O3 GOL S . -26.93 -7.68 -10.49
C1 GOL T . -2.97 4.51 -5.29
O1 GOL T . -4.16 4.13 -4.65
C2 GOL T . -3.31 5.30 -6.52
O2 GOL T . -2.57 6.51 -6.53
C3 GOL T . -3.08 4.50 -7.81
O3 GOL T . -2.04 3.56 -7.65
S SO4 U . 19.29 -8.01 -2.04
O1 SO4 U . 19.39 -7.90 -3.50
O2 SO4 U . 18.18 -7.20 -1.60
O3 SO4 U . 20.48 -7.47 -1.42
O4 SO4 U . 19.22 -9.38 -1.58
S SO4 V . -2.07 -3.67 9.83
O1 SO4 V . -3.03 -3.65 8.70
O2 SO4 V . -2.83 -3.49 11.06
O3 SO4 V . -1.39 -4.85 9.75
O4 SO4 V . -1.11 -2.57 9.66
S SO4 W . -5.48 -7.68 25.17
O1 SO4 W . -6.38 -7.46 24.08
O2 SO4 W . -5.19 -6.40 25.80
O3 SO4 W . -4.17 -8.27 24.82
O4 SO4 W . -6.17 -8.56 26.14
S SO4 X . 29.03 10.32 11.05
O1 SO4 X . 27.82 9.48 11.03
O2 SO4 X . 28.98 11.20 12.20
O3 SO4 X . 29.12 10.98 9.79
O4 SO4 X . 30.11 9.40 11.18
S SO4 Y . 28.58 11.73 20.96
O1 SO4 Y . 27.43 11.11 20.32
O2 SO4 Y . 28.72 13.10 20.43
O3 SO4 Y . 28.37 11.66 22.42
O4 SO4 Y . 29.80 11.00 20.56
S SO4 Z . 3.48 5.43 -7.57
O1 SO4 Z . 3.22 6.16 -8.81
O2 SO4 Z . 3.20 6.35 -6.46
O3 SO4 Z . 4.85 4.99 -7.63
O4 SO4 Z . 2.46 4.36 -7.51
S SO4 AA . 14.52 -13.90 1.61
O1 SO4 AA . 14.53 -12.48 1.98
O2 SO4 AA . 13.82 -14.03 0.34
O3 SO4 AA . 15.90 -14.35 1.50
O4 SO4 AA . 13.83 -14.64 2.68
S SO4 BA . 42.76 -0.17 9.02
O1 SO4 BA . 42.86 0.90 8.04
O2 SO4 BA . 41.99 0.24 10.18
O3 SO4 BA . 44.10 -0.59 9.41
O4 SO4 BA . 42.05 -1.25 8.34
S SO4 CA . 12.63 24.67 2.65
O1 SO4 CA . 12.64 25.87 3.48
O2 SO4 CA . 12.13 24.97 1.31
O3 SO4 CA . 11.75 23.67 3.25
O4 SO4 CA . 13.98 24.14 2.53
S SO4 DA . 22.31 17.16 -15.07
O1 SO4 DA . 22.36 18.63 -15.07
O2 SO4 DA . 21.35 16.65 -14.09
O3 SO4 DA . 21.84 16.76 -16.40
O4 SO4 DA . 23.67 16.64 -14.90
S SO4 EA . -11.23 -17.59 12.22
O1 SO4 EA . -11.17 -17.18 10.81
O2 SO4 EA . -12.60 -17.98 12.55
O3 SO4 EA . -10.61 -16.46 13.02
O4 SO4 EA . -10.40 -18.80 12.32
S SO4 FA . 5.81 13.16 -10.44
O1 SO4 FA . 6.11 14.56 -10.71
O2 SO4 FA . 4.37 12.95 -10.46
O3 SO4 FA . 6.47 12.32 -11.45
O4 SO4 FA . 6.32 12.78 -9.12
C1 CIT GA . 33.82 18.21 -2.76
O1 CIT GA . 33.46 19.30 -3.21
O2 CIT GA . 33.73 18.05 -1.50
C2 CIT GA . 34.36 17.06 -3.59
C3 CIT GA . 35.29 17.51 -4.70
O7 CIT GA . 36.43 18.23 -4.10
C4 CIT GA . 35.82 16.30 -5.37
C5 CIT GA . 36.83 16.71 -6.43
O3 CIT GA . 36.48 17.30 -7.45
O4 CIT GA . 38.01 16.39 -6.24
C6 CIT GA . 34.72 18.52 -5.61
O5 CIT GA . 33.68 18.38 -6.33
O6 CIT GA . 35.30 19.69 -5.68
C1 GOL HA . 35.69 20.88 13.58
O1 GOL HA . 36.99 21.05 14.06
C2 GOL HA . 34.81 20.21 14.59
O2 GOL HA . 33.56 20.68 14.22
C3 GOL HA . 34.93 18.71 14.59
O3 GOL HA . 34.09 18.11 13.63
C1 GOL IA . 36.27 -3.50 9.65
O1 GOL IA . 35.20 -3.03 10.43
C2 GOL IA . 36.77 -4.91 9.89
O2 GOL IA . 37.36 -4.98 11.18
C3 GOL IA . 37.75 -5.28 8.77
O3 GOL IA . 37.15 -5.86 7.61
C1 GOL JA . 17.29 -5.79 15.52
O1 GOL JA . 17.31 -5.75 16.92
C2 GOL JA . 16.06 -5.01 15.05
O2 GOL JA . 15.93 -3.84 15.83
C3 GOL JA . 14.80 -5.88 15.12
O3 GOL JA . 13.64 -5.08 15.11
C1 GOL KA . 27.36 32.70 9.57
O1 GOL KA . 27.68 31.62 10.41
C2 GOL KA . 26.05 33.34 9.99
O2 GOL KA . 26.33 34.14 11.13
C3 GOL KA . 25.37 34.14 8.86
O3 GOL KA . 24.78 33.42 7.79
C1 GOL LA . -1.27 4.62 9.66
O1 GOL LA . -0.36 3.67 10.15
C2 GOL LA . -2.38 3.87 8.95
O2 GOL LA . -2.40 2.56 9.47
C3 GOL LA . -2.07 3.77 7.47
O3 GOL LA . -2.34 4.95 6.76
C1 GOL MA . 32.40 22.20 17.62
O1 GOL MA . 32.77 22.34 16.27
C2 GOL MA . 30.98 21.80 17.97
O2 GOL MA . 30.71 20.50 17.56
C3 GOL MA . 31.17 21.52 19.47
O3 GOL MA . 31.07 20.13 19.69
N1 EPE NA . 8.56 4.74 13.77
C2 EPE NA . 9.84 5.03 14.42
C3 EPE NA . 10.93 4.01 14.11
N4 EPE NA . 10.76 3.40 12.80
C5 EPE NA . 10.04 4.23 11.86
C6 EPE NA . 8.68 4.73 12.31
C7 EPE NA . 11.88 2.63 12.30
C8 EPE NA . 11.65 1.17 11.87
O8 EPE NA . 11.17 1.00 10.56
C9 EPE NA . 7.57 5.74 14.19
C10 EPE NA . 6.65 6.20 13.06
S EPE NA . 4.97 6.43 13.68
O1S EPE NA . 5.08 6.94 15.04
O2S EPE NA . 4.23 7.38 12.86
O3S EPE NA . 4.27 5.14 13.69
#